data_9F96
#
_entry.id   9F96
#
_cell.length_a   76.781
_cell.length_b   76.781
_cell.length_c   101.379
_cell.angle_alpha   90.00
_cell.angle_beta   90.00
_cell.angle_gamma   90.00
#
_symmetry.space_group_name_H-M   'P 42 21 2'
#
loop_
_entity.id
_entity.type
_entity.pdbx_description
1 polymer 'Trans-2,3-dihydro-3-hydroxyanthranilate isomerase'
2 non-polymer 1,2-ETHANEDIOL
3 non-polymer '2-azanyl-3-ethoxy-benzoic acid'
4 water water
#
_entity_poly.entity_id   1
_entity_poly.type   'polypeptide(L)'
_entity_poly.pdbx_seq_one_letter_code
;MGSSHHHHHHSSGLVPRGSHMHNYVIIDAFASVPLEGNPVAVFFDADDLPPAQMQRIAREMNLSESTFVLKPRNGGDALI
RIFTPVNELPFAGHPLLGTAIALGAHTDNHRLYLETQMGTIAFELERQNGSVIAASMDQPIPTWTALGRDAELLKALGIS
DSTFPIEIYHNGPRHVFVGLPSIDALSALHPDHRALSNFHDMAINCFAGAGRRWRSRMFSPAYGVVEDAATGSAAGPLAI
HLARHGQIEFGQPVEILQGVEIGRPSLMFAKAEGRAEQLTRVEVSGNGVTFGRGTIVL
;
_entity_poly.pdbx_strand_id   A
#
loop_
_chem_comp.id
_chem_comp.type
_chem_comp.name
_chem_comp.formula
A1IAW non-polymer '2-azanyl-3-ethoxy-benzoic acid' 'C9 H11 N O3'
EDO non-polymer 1,2-ETHANEDIOL 'C2 H6 O2'
#
# COMPACT_ATOMS: atom_id res chain seq x y z
C LEU A 14 0.27 -32.66 -4.27
N VAL A 15 1.57 -32.95 -4.29
CA VAL A 15 2.24 -33.67 -3.20
C VAL A 15 2.50 -32.69 -2.06
N PRO A 16 1.90 -32.89 -0.88
CA PRO A 16 2.15 -31.95 0.22
C PRO A 16 3.58 -32.08 0.71
N ARG A 17 4.16 -30.94 1.09
CA ARG A 17 5.47 -30.86 1.71
C ARG A 17 5.35 -30.30 3.13
N GLY A 18 4.21 -30.52 3.76
CA GLY A 18 3.98 -30.10 5.13
C GLY A 18 2.76 -30.79 5.71
N SER A 19 2.47 -30.45 6.97
CA SER A 19 1.28 -30.96 7.65
C SER A 19 0.01 -30.25 7.21
N HIS A 20 0.13 -29.07 6.62
CA HIS A 20 -1.02 -28.33 6.14
CA HIS A 20 -0.99 -28.25 6.18
C HIS A 20 -0.67 -27.74 4.78
N MET A 21 -1.62 -27.76 3.90
CA MET A 21 -1.60 -26.95 2.70
CA MET A 21 -1.54 -26.94 2.72
C MET A 21 -2.30 -25.64 3.02
N HIS A 22 -2.07 -24.63 2.18
CA HIS A 22 -2.77 -23.36 2.34
C HIS A 22 -3.36 -22.92 1.03
N ASN A 23 -4.62 -22.54 1.07
CA ASN A 23 -5.24 -21.88 -0.06
C ASN A 23 -4.84 -20.41 -0.08
N TYR A 24 -4.82 -19.86 -1.28
CA TYR A 24 -4.52 -18.44 -1.46
C TYR A 24 -5.33 -17.89 -2.62
N VAL A 25 -5.50 -16.56 -2.62
CA VAL A 25 -6.03 -15.87 -3.78
CA VAL A 25 -6.08 -15.82 -3.72
C VAL A 25 -5.09 -14.72 -4.11
N ILE A 26 -5.02 -14.41 -5.40
CA ILE A 26 -4.27 -13.27 -5.89
CA ILE A 26 -4.27 -13.27 -5.89
C ILE A 26 -5.27 -12.18 -6.23
N ILE A 27 -5.18 -11.05 -5.54
CA ILE A 27 -6.04 -9.89 -5.78
C ILE A 27 -5.21 -8.80 -6.43
N ASP A 28 -5.72 -8.23 -7.52
CA ASP A 28 -5.14 -7.01 -8.12
C ASP A 28 -5.82 -5.84 -7.43
N ALA A 29 -5.10 -5.20 -6.53
CA ALA A 29 -5.62 -4.09 -5.74
C ALA A 29 -5.47 -2.78 -6.49
N PHE A 30 -6.44 -1.89 -6.30
CA PHE A 30 -6.48 -0.58 -6.94
C PHE A 30 -6.64 -0.69 -8.46
N ALA A 31 -7.45 -1.67 -8.87
CA ALA A 31 -7.80 -1.85 -10.26
C ALA A 31 -9.16 -2.52 -10.35
N SER A 32 -9.84 -2.26 -11.44
CA SER A 32 -11.12 -2.89 -11.72
C SER A 32 -11.02 -3.93 -12.82
N VAL A 33 -9.84 -4.14 -13.39
CA VAL A 33 -9.64 -5.21 -14.38
C VAL A 33 -8.37 -5.96 -14.00
N PRO A 34 -8.33 -7.27 -14.25
CA PRO A 34 -7.11 -8.03 -13.95
C PRO A 34 -5.96 -7.56 -14.81
N LEU A 35 -4.76 -7.79 -14.31
CA LEU A 35 -3.50 -7.44 -14.95
C LEU A 35 -3.16 -5.96 -14.82
N GLU A 36 -4.00 -5.19 -14.14
CA GLU A 36 -3.69 -3.83 -13.71
C GLU A 36 -3.67 -3.80 -12.18
N GLY A 37 -3.35 -2.64 -11.62
CA GLY A 37 -3.23 -2.59 -10.18
C GLY A 37 -1.99 -3.31 -9.66
N ASN A 38 -2.01 -3.56 -8.35
CA ASN A 38 -0.85 -4.09 -7.64
C ASN A 38 -1.24 -5.43 -7.03
N PRO A 39 -0.64 -6.54 -7.46
CA PRO A 39 -1.08 -7.83 -6.92
C PRO A 39 -0.71 -8.02 -5.46
N VAL A 40 -1.58 -8.73 -4.72
CA VAL A 40 -1.24 -9.23 -3.40
C VAL A 40 -1.73 -10.68 -3.31
N ALA A 41 -0.89 -11.53 -2.73
CA ALA A 41 -1.29 -12.92 -2.46
C ALA A 41 -1.77 -12.99 -1.03
N VAL A 42 -3.00 -13.49 -0.86
CA VAL A 42 -3.68 -13.57 0.44
C VAL A 42 -3.78 -15.05 0.80
N PHE A 43 -3.13 -15.45 1.88
CA PHE A 43 -3.08 -16.83 2.34
C PHE A 43 -4.04 -17.04 3.49
N PHE A 44 -4.96 -17.99 3.32
CA PHE A 44 -6.01 -18.30 4.29
C PHE A 44 -5.52 -19.33 5.31
N ASP A 45 -6.18 -19.34 6.47
CA ASP A 45 -5.97 -20.38 7.46
C ASP A 45 -4.51 -20.53 7.85
N ALA A 46 -3.88 -19.39 8.14
CA ALA A 46 -2.43 -19.33 8.23
C ALA A 46 -1.91 -19.48 9.66
N ASP A 47 -2.78 -19.87 10.60
CA ASP A 47 -2.40 -19.89 12.02
C ASP A 47 -1.28 -20.89 12.34
N ASP A 48 -1.11 -21.92 11.52
CA ASP A 48 -0.07 -22.90 11.73
C ASP A 48 1.31 -22.45 11.27
N LEU A 49 1.41 -21.35 10.51
CA LEU A 49 2.68 -20.98 9.87
C LEU A 49 3.52 -20.15 10.83
N PRO A 50 4.77 -20.53 11.10
CA PRO A 50 5.67 -19.63 11.81
C PRO A 50 5.92 -18.39 10.98
N PRO A 51 6.14 -17.23 11.61
CA PRO A 51 6.41 -16.02 10.84
C PRO A 51 7.63 -16.12 9.94
N ALA A 52 8.65 -16.89 10.32
CA ALA A 52 9.79 -17.03 9.41
C ALA A 52 9.37 -17.73 8.14
N GLN A 53 8.42 -18.66 8.24
CA GLN A 53 7.90 -19.33 7.07
C GLN A 53 7.01 -18.39 6.24
N MET A 54 6.20 -17.57 6.90
CA MET A 54 5.45 -16.56 6.19
C MET A 54 6.38 -15.66 5.37
N GLN A 55 7.50 -15.24 5.95
CA GLN A 55 8.45 -14.40 5.22
C GLN A 55 9.02 -15.15 4.02
N ARG A 56 9.34 -16.44 4.19
CA ARG A 56 9.86 -17.21 3.07
CA ARG A 56 9.86 -17.22 3.07
C ARG A 56 8.81 -17.39 1.98
N ILE A 57 7.54 -17.56 2.36
CA ILE A 57 6.48 -17.65 1.36
C ILE A 57 6.33 -16.32 0.61
N ALA A 58 6.41 -15.21 1.32
CA ALA A 58 6.34 -13.92 0.64
C ALA A 58 7.48 -13.76 -0.36
N ARG A 59 8.67 -14.22 0.02
CA ARG A 59 9.82 -14.17 -0.89
CA ARG A 59 9.82 -14.19 -0.89
C ARG A 59 9.58 -15.07 -2.11
N GLU A 60 8.97 -16.24 -1.89
CA GLU A 60 8.61 -17.15 -2.97
C GLU A 60 7.64 -16.51 -3.97
N MET A 61 6.59 -15.84 -3.46
CA MET A 61 5.60 -15.25 -4.35
C MET A 61 6.17 -14.07 -5.11
N ASN A 62 7.07 -13.33 -4.47
CA ASN A 62 7.78 -12.20 -5.07
C ASN A 62 6.86 -11.07 -5.49
N LEU A 63 5.69 -10.97 -4.89
CA LEU A 63 4.83 -9.81 -5.08
C LEU A 63 5.22 -8.75 -4.05
N SER A 64 4.75 -7.51 -4.27
CA SER A 64 5.13 -6.48 -3.29
C SER A 64 4.75 -6.87 -1.89
N GLU A 65 3.60 -7.54 -1.71
CA GLU A 65 3.28 -8.14 -0.43
C GLU A 65 2.50 -9.43 -0.60
N SER A 66 2.66 -10.29 0.40
CA SER A 66 1.76 -11.41 0.69
C SER A 66 1.20 -11.17 2.09
N THR A 67 -0.05 -11.57 2.30
CA THR A 67 -0.67 -11.45 3.61
C THR A 67 -1.13 -12.82 4.10
N PHE A 68 -1.26 -12.91 5.42
CA PHE A 68 -1.60 -14.17 6.09
C PHE A 68 -2.76 -13.91 7.03
N VAL A 69 -3.83 -14.67 6.84
CA VAL A 69 -5.08 -14.48 7.58
C VAL A 69 -5.09 -15.38 8.81
N LEU A 70 -5.12 -14.76 9.98
CA LEU A 70 -5.07 -15.43 11.26
C LEU A 70 -6.34 -15.16 12.06
N LYS A 71 -6.57 -16.01 13.04
CA LYS A 71 -7.71 -15.80 13.92
C LYS A 71 -7.57 -14.48 14.67
N PRO A 72 -8.66 -13.76 14.88
CA PRO A 72 -8.57 -12.46 15.57
C PRO A 72 -8.31 -12.66 17.05
N ARG A 73 -7.66 -11.66 17.64
CA ARG A 73 -7.34 -11.67 19.07
C ARG A 73 -7.92 -10.49 19.83
N ASN A 74 -8.50 -9.50 19.16
CA ASN A 74 -8.92 -8.27 19.82
C ASN A 74 -10.27 -7.81 19.31
N GLY A 75 -11.16 -8.75 18.97
CA GLY A 75 -12.53 -8.40 18.62
C GLY A 75 -12.79 -8.16 17.15
N GLY A 76 -11.77 -8.20 16.29
CA GLY A 76 -11.95 -8.01 14.87
C GLY A 76 -12.43 -9.27 14.19
N ASP A 77 -12.49 -9.21 12.86
CA ASP A 77 -12.85 -10.36 12.06
C ASP A 77 -11.67 -11.28 11.79
N ALA A 78 -10.47 -10.73 11.68
CA ALA A 78 -9.28 -11.51 11.43
C ALA A 78 -8.11 -10.66 11.84
N LEU A 79 -6.97 -11.32 12.09
CA LEU A 79 -5.69 -10.67 12.30
C LEU A 79 -4.85 -10.93 11.05
N ILE A 80 -4.28 -9.87 10.47
CA ILE A 80 -3.56 -10.00 9.22
C ILE A 80 -2.10 -9.65 9.45
N ARG A 81 -1.20 -10.56 9.09
CA ARG A 81 0.22 -10.22 9.05
C ARG A 81 0.66 -10.03 7.59
N ILE A 82 1.55 -9.06 7.39
CA ILE A 82 1.82 -8.47 6.08
C ILE A 82 3.33 -8.54 5.82
N PHE A 83 3.74 -9.17 4.71
CA PHE A 83 5.16 -9.35 4.41
C PHE A 83 5.48 -8.87 3.01
N THR A 84 6.50 -8.04 2.89
CA THR A 84 7.15 -7.77 1.60
C THR A 84 8.08 -8.94 1.30
N PRO A 85 8.78 -8.91 0.16
CA PRO A 85 9.73 -9.99 -0.10
C PRO A 85 10.85 -10.06 0.90
N VAL A 86 11.08 -9.00 1.68
CA VAL A 86 12.24 -8.95 2.58
C VAL A 86 11.88 -8.64 4.04
N ASN A 87 10.70 -8.12 4.38
CA ASN A 87 10.44 -7.74 5.76
C ASN A 87 8.94 -7.76 6.04
N GLU A 88 8.60 -7.82 7.33
CA GLU A 88 7.23 -7.64 7.77
C GLU A 88 6.93 -6.15 7.90
N LEU A 89 5.69 -5.77 7.58
CA LEU A 89 5.20 -4.41 7.79
C LEU A 89 4.06 -4.43 8.79
N PRO A 90 3.91 -3.37 9.60
CA PRO A 90 2.84 -3.35 10.61
C PRO A 90 1.50 -2.90 10.07
N PHE A 91 1.47 -2.33 8.87
CA PHE A 91 0.30 -1.80 8.19
C PHE A 91 0.73 -1.58 6.75
N ALA A 92 -0.20 -1.77 5.81
CA ALA A 92 0.06 -1.43 4.42
C ALA A 92 -1.29 -1.35 3.73
N GLY A 93 -1.43 -0.44 2.77
CA GLY A 93 -2.74 -0.19 2.17
C GLY A 93 -3.15 -1.15 1.07
N HIS A 94 -2.32 -1.35 0.04
CA HIS A 94 -2.73 -2.26 -1.03
C HIS A 94 -2.92 -3.68 -0.49
N PRO A 95 -2.07 -4.18 0.43
CA PRO A 95 -2.26 -5.57 0.88
C PRO A 95 -3.52 -5.72 1.69
N LEU A 96 -3.86 -4.74 2.51
CA LEU A 96 -5.08 -4.87 3.30
C LEU A 96 -6.32 -4.65 2.46
N LEU A 97 -6.26 -3.76 1.47
CA LEU A 97 -7.38 -3.65 0.53
C LEU A 97 -7.64 -4.99 -0.15
N GLY A 98 -6.59 -5.63 -0.64
CA GLY A 98 -6.76 -6.91 -1.30
C GLY A 98 -7.24 -7.98 -0.33
N THR A 99 -6.74 -7.95 0.91
CA THR A 99 -7.19 -8.94 1.90
C THR A 99 -8.67 -8.74 2.22
N ALA A 100 -9.11 -7.50 2.35
CA ALA A 100 -10.50 -7.23 2.66
C ALA A 100 -11.38 -7.71 1.52
N ILE A 101 -10.97 -7.47 0.28
CA ILE A 101 -11.76 -7.93 -0.86
C ILE A 101 -11.80 -9.45 -0.90
N ALA A 102 -10.68 -10.11 -0.64
CA ALA A 102 -10.63 -11.57 -0.64
C ALA A 102 -11.52 -12.16 0.45
N LEU A 103 -11.44 -11.63 1.66
CA LEU A 103 -12.28 -12.12 2.74
C LEU A 103 -13.75 -11.78 2.50
N GLY A 104 -14.02 -10.71 1.76
CA GLY A 104 -15.36 -10.33 1.42
C GLY A 104 -16.12 -11.39 0.65
N ALA A 105 -15.41 -12.28 -0.04
CA ALA A 105 -16.06 -13.38 -0.75
C ALA A 105 -16.66 -14.42 0.20
N HIS A 106 -16.30 -14.40 1.48
CA HIS A 106 -16.71 -15.40 2.44
C HIS A 106 -17.60 -14.85 3.54
N THR A 107 -18.18 -13.68 3.32
CA THR A 107 -19.10 -13.08 4.29
C THR A 107 -20.12 -12.22 3.54
N ASP A 108 -21.26 -11.98 4.18
CA ASP A 108 -22.26 -11.03 3.69
C ASP A 108 -22.09 -9.64 4.30
N ASN A 109 -21.19 -9.48 5.27
CA ASN A 109 -21.11 -8.25 6.04
C ASN A 109 -20.68 -7.07 5.16
N HIS A 110 -21.27 -5.91 5.44
CA HIS A 110 -20.90 -4.68 4.73
C HIS A 110 -19.56 -4.14 5.19
N ARG A 111 -19.17 -4.41 6.43
CA ARG A 111 -17.95 -3.88 7.02
C ARG A 111 -17.11 -5.03 7.53
N LEU A 112 -15.80 -4.83 7.48
CA LEU A 112 -14.84 -5.82 7.92
CA LEU A 112 -14.85 -5.83 7.93
C LEU A 112 -13.82 -5.13 8.80
N TYR A 113 -13.38 -5.80 9.86
CA TYR A 113 -12.45 -5.21 10.83
C TYR A 113 -11.20 -6.08 10.87
N LEU A 114 -10.08 -5.55 10.34
CA LEU A 114 -8.86 -6.33 10.17
C LEU A 114 -7.84 -5.86 11.19
N GLU A 115 -7.49 -6.74 12.11
CA GLU A 115 -6.47 -6.41 13.11
C GLU A 115 -5.09 -6.42 12.46
N THR A 116 -4.28 -5.43 12.83
CA THR A 116 -2.89 -5.32 12.38
C THR A 116 -2.05 -4.87 13.55
N GLN A 117 -0.75 -4.84 13.35
CA GLN A 117 0.15 -4.33 14.37
C GLN A 117 -0.08 -2.84 14.67
N MET A 118 -0.73 -2.11 13.77
CA MET A 118 -1.11 -0.71 14.00
C MET A 118 -2.51 -0.56 14.58
N GLY A 119 -3.18 -1.65 14.91
CA GLY A 119 -4.52 -1.60 15.44
C GLY A 119 -5.52 -2.19 14.45
N THR A 120 -6.78 -2.07 14.79
CA THR A 120 -7.84 -2.63 13.97
C THR A 120 -8.24 -1.63 12.90
N ILE A 121 -8.20 -2.07 11.65
CA ILE A 121 -8.48 -1.22 10.51
C ILE A 121 -9.88 -1.55 10.01
N ALA A 122 -10.74 -0.53 9.96
CA ALA A 122 -12.12 -0.69 9.53
C ALA A 122 -12.24 -0.52 8.03
N PHE A 123 -12.94 -1.45 7.39
CA PHE A 123 -13.21 -1.47 5.96
C PHE A 123 -14.70 -1.46 5.70
N GLU A 124 -15.11 -0.73 4.67
CA GLU A 124 -16.45 -0.79 4.12
C GLU A 124 -16.35 -1.43 2.74
N LEU A 125 -17.11 -2.48 2.51
CA LEU A 125 -17.05 -3.25 1.27
C LEU A 125 -18.18 -2.80 0.34
N GLU A 126 -17.87 -2.74 -0.96
CA GLU A 126 -18.85 -2.49 -2.00
C GLU A 126 -19.02 -3.73 -2.85
N ARG A 127 -20.28 -4.13 -3.06
CA ARG A 127 -20.59 -5.32 -3.85
C ARG A 127 -21.43 -4.94 -5.06
N GLN A 128 -21.22 -5.68 -6.15
CA GLN A 128 -22.07 -5.57 -7.33
C GLN A 128 -22.25 -6.97 -7.88
N ASN A 129 -23.51 -7.35 -8.11
CA ASN A 129 -23.83 -8.66 -8.69
C ASN A 129 -23.22 -9.80 -7.89
N GLY A 130 -23.19 -9.65 -6.57
CA GLY A 130 -22.72 -10.70 -5.70
C GLY A 130 -21.22 -10.79 -5.49
N SER A 131 -20.42 -9.90 -6.10
CA SER A 131 -18.98 -9.88 -5.92
C SER A 131 -18.58 -8.61 -5.20
N VAL A 132 -17.57 -8.70 -4.33
CA VAL A 132 -16.97 -7.51 -3.76
C VAL A 132 -16.08 -6.90 -4.83
N ILE A 133 -16.36 -5.65 -5.18
CA ILE A 133 -15.63 -4.96 -6.24
C ILE A 133 -14.72 -3.84 -5.75
N ALA A 134 -14.87 -3.40 -4.51
CA ALA A 134 -14.10 -2.26 -4.02
C ALA A 134 -14.22 -2.23 -2.51
N ALA A 135 -13.35 -1.45 -1.87
CA ALA A 135 -13.44 -1.25 -0.44
C ALA A 135 -12.79 0.09 -0.09
N SER A 136 -13.18 0.60 1.07
CA SER A 136 -12.62 1.81 1.64
C SER A 136 -12.16 1.53 3.06
N MET A 137 -11.01 2.10 3.44
CA MET A 137 -10.45 1.90 4.77
C MET A 137 -10.22 3.24 5.45
N ASP A 138 -10.28 3.24 6.77
CA ASP A 138 -9.80 4.35 7.60
C ASP A 138 -8.39 4.01 8.07
N GLN A 139 -7.40 4.77 7.59
CA GLN A 139 -6.01 4.49 7.89
C GLN A 139 -5.62 5.10 9.23
N PRO A 140 -4.56 4.59 9.86
CA PRO A 140 -3.97 5.32 10.99
C PRO A 140 -3.67 6.75 10.56
N ILE A 141 -3.86 7.69 11.47
CA ILE A 141 -3.51 9.09 11.22
CA ILE A 141 -3.50 9.08 11.20
C ILE A 141 -1.98 9.19 11.28
N PRO A 142 -1.31 9.64 10.23
CA PRO A 142 0.16 9.64 10.26
C PRO A 142 0.71 10.81 11.06
N THR A 143 1.95 10.63 11.50
CA THR A 143 2.80 11.72 11.99
C THR A 143 3.84 12.02 10.91
N TRP A 144 4.47 13.18 11.01
CA TRP A 144 5.47 13.54 10.00
C TRP A 144 6.52 14.48 10.56
N THR A 145 7.66 14.52 9.86
CA THR A 145 8.73 15.45 10.18
C THR A 145 9.56 15.66 8.91
N ALA A 146 10.46 16.63 8.94
CA ALA A 146 11.37 16.83 7.82
C ALA A 146 12.32 15.64 7.72
N LEU A 147 12.60 15.20 6.49
CA LEU A 147 13.57 14.12 6.30
C LEU A 147 14.97 14.54 6.72
N GLY A 148 15.40 15.74 6.32
CA GLY A 148 16.70 16.24 6.69
C GLY A 148 17.86 15.62 5.94
N ARG A 149 17.60 14.95 4.82
CA ARG A 149 18.58 14.29 3.97
C ARG A 149 18.36 14.69 2.51
N ASP A 150 18.05 15.97 2.28
CA ASP A 150 17.53 16.37 0.98
C ASP A 150 18.56 16.20 -0.12
N ALA A 151 19.78 16.72 0.10
CA ALA A 151 20.78 16.64 -0.95
C ALA A 151 21.06 15.18 -1.33
N GLU A 152 21.20 14.31 -0.32
CA GLU A 152 21.46 12.89 -0.56
C GLU A 152 20.33 12.24 -1.35
N LEU A 153 19.08 12.54 -0.97
CA LEU A 153 17.95 11.90 -1.64
C LEU A 153 17.78 12.41 -3.06
N LEU A 154 17.91 13.72 -3.26
CA LEU A 154 17.77 14.26 -4.61
C LEU A 154 18.85 13.71 -5.53
N LYS A 155 20.09 13.57 -5.02
CA LYS A 155 21.13 12.96 -5.83
CA LYS A 155 21.14 12.96 -5.82
C LYS A 155 20.78 11.54 -6.21
N ALA A 156 20.26 10.74 -5.25
CA ALA A 156 19.87 9.37 -5.56
C ALA A 156 18.78 9.32 -6.62
N LEU A 157 17.83 10.26 -6.57
CA LEU A 157 16.75 10.29 -7.54
C LEU A 157 17.17 10.84 -8.88
N GLY A 158 18.28 11.59 -8.92
CA GLY A 158 18.78 12.18 -10.15
C GLY A 158 18.15 13.50 -10.51
N ILE A 159 17.71 14.28 -9.52
CA ILE A 159 17.10 15.58 -9.76
C ILE A 159 17.73 16.62 -8.82
N SER A 160 17.46 17.89 -9.10
CA SER A 160 18.15 18.94 -8.36
C SER A 160 17.34 19.52 -7.20
N ASP A 161 16.02 19.37 -7.22
CA ASP A 161 15.15 20.00 -6.23
C ASP A 161 13.86 19.21 -6.16
N SER A 162 13.17 19.40 -5.05
CA SER A 162 11.77 19.02 -4.90
C SER A 162 10.91 20.26 -4.98
N THR A 163 9.70 20.14 -5.55
CA THR A 163 8.81 21.28 -5.62
C THR A 163 8.32 21.71 -4.24
N PHE A 164 8.33 20.81 -3.26
CA PHE A 164 7.84 21.08 -1.92
C PHE A 164 8.79 20.49 -0.89
N PRO A 165 8.71 20.95 0.36
CA PRO A 165 9.57 20.40 1.41
C PRO A 165 9.49 18.88 1.46
N ILE A 166 10.64 18.26 1.66
CA ILE A 166 10.76 16.80 1.69
C ILE A 166 10.51 16.33 3.12
N GLU A 167 9.37 15.69 3.31
CA GLU A 167 8.92 15.26 4.62
C GLU A 167 8.65 13.76 4.59
N ILE A 168 8.83 13.14 5.76
CA ILE A 168 8.67 11.71 5.95
C ILE A 168 7.52 11.49 6.93
N TYR A 169 6.57 10.64 6.52
CA TYR A 169 5.35 10.36 7.25
C TYR A 169 5.38 8.94 7.77
N HIS A 170 4.80 8.71 8.94
CA HIS A 170 4.73 7.39 9.56
C HIS A 170 3.30 7.02 9.86
N ASN A 171 2.87 5.88 9.31
CA ASN A 171 1.61 5.24 9.71
C ASN A 171 1.81 3.74 9.88
N GLY A 172 3.03 3.33 10.20
CA GLY A 172 3.44 1.96 10.30
C GLY A 172 4.71 1.82 9.48
N PRO A 173 4.58 1.73 8.16
CA PRO A 173 5.70 2.03 7.27
C PRO A 173 5.98 3.52 7.33
N ARG A 174 7.05 3.93 6.66
CA ARG A 174 7.36 5.35 6.49
C ARG A 174 7.42 5.69 5.01
N HIS A 175 6.91 6.89 4.68
CA HIS A 175 6.80 7.39 3.31
C HIS A 175 7.38 8.79 3.22
N VAL A 176 8.34 8.96 2.34
CA VAL A 176 8.87 10.27 1.99
C VAL A 176 8.17 10.74 0.74
N PHE A 177 7.92 12.05 0.66
CA PHE A 177 7.29 12.64 -0.53
C PHE A 177 8.22 13.67 -1.17
N VAL A 178 8.45 13.49 -2.46
CA VAL A 178 9.28 14.39 -3.28
C VAL A 178 8.42 14.83 -4.46
N GLY A 179 8.30 16.15 -4.64
CA GLY A 179 7.46 16.71 -5.68
C GLY A 179 8.22 16.98 -6.96
N LEU A 180 7.61 16.64 -8.08
CA LEU A 180 8.12 16.85 -9.41
C LEU A 180 7.26 17.88 -10.14
N PRO A 181 7.84 18.68 -11.03
CA PRO A 181 7.10 19.81 -11.61
C PRO A 181 6.17 19.45 -12.74
N SER A 182 6.21 18.22 -13.25
CA SER A 182 5.35 17.80 -14.34
C SER A 182 5.30 16.28 -14.33
N ILE A 183 4.28 15.74 -14.98
CA ILE A 183 4.19 14.29 -15.14
C ILE A 183 5.33 13.80 -16.02
N ASP A 184 5.73 14.57 -17.04
CA ASP A 184 6.85 14.14 -17.87
C ASP A 184 8.12 14.01 -17.04
N ALA A 185 8.35 14.96 -16.12
CA ALA A 185 9.53 14.89 -15.27
C ALA A 185 9.45 13.68 -14.34
N LEU A 186 8.26 13.37 -13.84
CA LEU A 186 8.09 12.17 -13.01
C LEU A 186 8.43 10.91 -13.81
N SER A 187 7.92 10.81 -15.06
CA SER A 187 8.17 9.62 -15.85
C SER A 187 9.63 9.48 -16.24
N ALA A 188 10.34 10.60 -16.31
CA ALA A 188 11.74 10.58 -16.69
C ALA A 188 12.67 10.13 -15.59
N LEU A 189 12.20 10.00 -14.35
CA LEU A 189 13.09 9.59 -13.27
C LEU A 189 13.68 8.22 -13.54
N HIS A 190 14.99 8.10 -13.33
CA HIS A 190 15.69 6.81 -13.33
C HIS A 190 16.59 6.80 -12.11
N PRO A 191 16.05 6.45 -10.94
CA PRO A 191 16.83 6.59 -9.71
C PRO A 191 18.00 5.62 -9.66
N ASP A 192 18.96 5.97 -8.81
CA ASP A 192 20.06 5.09 -8.44
C ASP A 192 19.55 4.23 -7.29
N HIS A 193 19.13 3.00 -7.61
CA HIS A 193 18.52 2.21 -6.56
CA HIS A 193 18.54 2.07 -6.63
C HIS A 193 19.52 1.76 -5.51
N ARG A 194 20.79 1.61 -5.87
CA ARG A 194 21.80 1.34 -4.86
C ARG A 194 21.93 2.50 -3.87
N ALA A 195 21.94 3.74 -4.38
CA ALA A 195 21.97 4.88 -3.49
C ALA A 195 20.70 4.96 -2.63
N LEU A 196 19.53 4.64 -3.21
CA LEU A 196 18.31 4.65 -2.42
C LEU A 196 18.34 3.62 -1.30
N SER A 197 19.18 2.58 -1.42
CA SER A 197 19.22 1.56 -0.37
C SER A 197 19.81 2.07 0.93
N ASN A 198 20.40 3.26 0.92
CA ASN A 198 20.82 3.88 2.17
C ASN A 198 19.68 4.51 2.95
N PHE A 199 18.46 4.49 2.40
CA PHE A 199 17.26 5.03 3.06
C PHE A 199 16.50 3.85 3.64
N HIS A 200 16.72 3.60 4.92
CA HIS A 200 16.21 2.39 5.57
C HIS A 200 14.80 2.63 6.10
N ASP A 201 14.02 1.56 6.16
CA ASP A 201 12.67 1.57 6.70
C ASP A 201 11.86 2.73 6.17
N MET A 202 11.87 2.89 4.85
CA MET A 202 11.01 3.90 4.24
C MET A 202 10.87 3.62 2.75
N ALA A 203 9.83 4.23 2.18
CA ALA A 203 9.61 4.25 0.75
C ALA A 203 9.65 5.69 0.26
N ILE A 204 10.14 5.88 -0.96
CA ILE A 204 10.28 7.19 -1.56
C ILE A 204 9.19 7.35 -2.61
N ASN A 205 8.28 8.29 -2.37
CA ASN A 205 7.11 8.51 -3.21
C ASN A 205 7.29 9.85 -3.91
N CYS A 206 7.32 9.81 -5.24
CA CYS A 206 7.51 10.99 -6.07
C CYS A 206 6.19 11.31 -6.75
N PHE A 207 5.79 12.57 -6.75
CA PHE A 207 4.43 12.91 -7.21
C PHE A 207 4.44 14.13 -8.12
N ALA A 208 3.41 14.21 -8.97
CA ALA A 208 3.19 15.36 -9.84
C ALA A 208 1.72 15.35 -10.23
N GLY A 209 1.18 16.50 -10.59
CA GLY A 209 -0.23 16.55 -10.98
C GLY A 209 -0.81 17.90 -10.66
N ALA A 210 -2.14 17.95 -10.52
CA ALA A 210 -2.85 19.18 -10.26
C ALA A 210 -4.28 18.88 -9.83
N GLY A 211 -4.79 19.66 -8.89
CA GLY A 211 -6.19 19.62 -8.56
C GLY A 211 -6.60 18.26 -8.00
N ARG A 212 -7.56 17.63 -8.67
CA ARG A 212 -8.12 16.36 -8.22
C ARG A 212 -7.28 15.17 -8.61
N ARG A 213 -6.35 15.31 -9.55
CA ARG A 213 -5.71 14.16 -10.18
C ARG A 213 -4.19 14.26 -10.07
N TRP A 214 -3.57 13.23 -9.49
CA TRP A 214 -2.14 13.20 -9.24
C TRP A 214 -1.59 11.89 -9.78
N ARG A 215 -0.31 11.91 -10.12
CA ARG A 215 0.46 10.75 -10.50
C ARG A 215 1.55 10.54 -9.47
N SER A 216 1.88 9.28 -9.22
CA SER A 216 2.92 8.90 -8.28
CA SER A 216 2.99 8.98 -8.35
C SER A 216 3.78 7.79 -8.85
N ARG A 217 5.04 7.74 -8.37
CA ARG A 217 5.92 6.58 -8.50
C ARG A 217 6.55 6.36 -7.15
N MET A 218 6.68 5.10 -6.75
CA MET A 218 7.28 4.76 -5.46
C MET A 218 8.44 3.79 -5.65
N PHE A 219 9.53 4.06 -4.93
CA PHE A 219 10.78 3.29 -4.96
C PHE A 219 11.13 2.91 -3.53
N SER A 220 11.44 1.64 -3.25
CA SER A 220 11.80 1.24 -1.90
CA SER A 220 11.76 1.22 -1.88
C SER A 220 12.67 0.01 -1.83
N PRO A 221 13.99 0.18 -2.01
CA PRO A 221 14.89 -0.94 -1.70
C PRO A 221 14.74 -1.44 -0.28
N ALA A 222 14.44 -0.57 0.68
CA ALA A 222 14.29 -1.02 2.06
C ALA A 222 13.20 -2.06 2.20
N TYR A 223 12.10 -1.90 1.46
CA TYR A 223 10.97 -2.81 1.51
C TYR A 223 11.02 -3.85 0.38
N GLY A 224 12.15 -3.96 -0.31
CA GLY A 224 12.40 -5.07 -1.21
C GLY A 224 11.87 -4.92 -2.61
N VAL A 225 11.58 -3.69 -3.06
CA VAL A 225 10.96 -3.47 -4.37
CA VAL A 225 10.98 -3.49 -4.37
C VAL A 225 11.64 -2.29 -5.05
N VAL A 226 12.05 -2.49 -6.30
CA VAL A 226 12.62 -1.38 -7.09
C VAL A 226 11.58 -0.29 -7.27
N GLU A 227 10.40 -0.67 -7.76
CA GLU A 227 9.32 0.29 -7.96
C GLU A 227 8.00 -0.43 -7.70
N ASP A 228 7.20 0.12 -6.81
CA ASP A 228 5.90 -0.46 -6.46
C ASP A 228 4.79 0.19 -7.27
N ALA A 229 3.77 -0.61 -7.61
CA ALA A 229 2.70 -0.14 -8.47
C ALA A 229 1.61 0.65 -7.76
N ALA A 230 1.36 0.40 -6.48
CA ALA A 230 0.25 1.05 -5.79
C ALA A 230 0.50 0.98 -4.29
N THR A 231 0.97 2.09 -3.72
CA THR A 231 1.41 2.14 -2.33
C THR A 231 0.29 2.76 -1.52
N GLY A 232 -0.65 1.92 -1.07
CA GLY A 232 -1.88 2.44 -0.51
C GLY A 232 -1.69 3.21 0.78
N SER A 233 -0.71 2.84 1.60
CA SER A 233 -0.42 3.59 2.83
C SER A 233 0.29 4.90 2.57
N ALA A 234 0.68 5.19 1.32
CA ALA A 234 1.19 6.50 0.93
C ALA A 234 0.09 7.42 0.43
N ALA A 235 -1.08 6.88 0.08
CA ALA A 235 -2.12 7.68 -0.51
C ALA A 235 -2.73 8.66 0.50
N GLY A 236 -3.00 8.19 1.70
CA GLY A 236 -3.53 9.04 2.75
C GLY A 236 -2.57 10.14 3.11
N PRO A 237 -1.31 9.80 3.39
CA PRO A 237 -0.31 10.85 3.66
C PRO A 237 -0.16 11.83 2.51
N LEU A 238 -0.24 11.38 1.25
CA LEU A 238 -0.11 12.33 0.15
C LEU A 238 -1.24 13.35 0.18
N ALA A 239 -2.46 12.93 0.48
CA ALA A 239 -3.56 13.90 0.56
C ALA A 239 -3.29 14.95 1.62
N ILE A 240 -2.72 14.54 2.75
CA ILE A 240 -2.35 15.48 3.80
C ILE A 240 -1.25 16.40 3.31
N HIS A 241 -0.22 15.83 2.69
CA HIS A 241 0.94 16.59 2.22
C HIS A 241 0.52 17.65 1.21
N LEU A 242 -0.33 17.27 0.26
CA LEU A 242 -0.79 18.21 -0.75
C LEU A 242 -1.55 19.37 -0.13
N ALA A 243 -2.37 19.09 0.87
CA ALA A 243 -3.10 20.17 1.52
C ALA A 243 -2.18 21.05 2.35
N ARG A 244 -1.25 20.47 3.10
CA ARG A 244 -0.33 21.26 3.91
C ARG A 244 0.47 22.23 3.05
N HIS A 245 0.77 21.84 1.81
CA HIS A 245 1.58 22.65 0.91
C HIS A 245 0.76 23.40 -0.12
N GLY A 246 -0.55 23.52 0.09
CA GLY A 246 -1.35 24.44 -0.68
C GLY A 246 -1.73 23.97 -2.06
N GLN A 247 -1.54 22.69 -2.39
CA GLN A 247 -1.87 22.20 -3.72
C GLN A 247 -3.34 21.84 -3.86
N ILE A 248 -3.97 21.49 -2.75
CA ILE A 248 -5.40 21.22 -2.66
C ILE A 248 -5.87 21.81 -1.34
N GLU A 249 -7.18 21.97 -1.22
CA GLU A 249 -7.75 22.35 0.05
CA GLU A 249 -7.76 22.35 0.06
C GLU A 249 -7.85 21.13 0.96
N PHE A 250 -7.76 21.37 2.26
CA PHE A 250 -7.95 20.28 3.21
C PHE A 250 -9.31 19.63 2.98
N GLY A 251 -9.32 18.31 2.93
CA GLY A 251 -10.54 17.58 2.76
C GLY A 251 -10.95 17.34 1.33
N GLN A 252 -10.24 17.88 0.36
CA GLN A 252 -10.58 17.63 -1.04
C GLN A 252 -10.20 16.19 -1.40
N PRO A 253 -11.12 15.40 -1.97
CA PRO A 253 -10.72 14.06 -2.41
C PRO A 253 -9.77 14.13 -3.59
N VAL A 254 -8.82 13.20 -3.62
CA VAL A 254 -7.87 13.13 -4.73
C VAL A 254 -7.87 11.72 -5.29
N GLU A 255 -7.51 11.64 -6.57
CA GLU A 255 -7.25 10.40 -7.27
C GLU A 255 -5.75 10.36 -7.57
N ILE A 256 -5.11 9.27 -7.20
CA ILE A 256 -3.66 9.12 -7.36
C ILE A 256 -3.44 7.91 -8.28
N LEU A 257 -2.87 8.15 -9.44
CA LEU A 257 -2.57 7.12 -10.43
C LEU A 257 -1.09 6.78 -10.31
N GLN A 258 -0.79 5.55 -9.93
CA GLN A 258 0.57 5.08 -9.71
C GLN A 258 0.87 3.92 -10.65
N GLY A 259 2.15 3.66 -10.91
CA GLY A 259 2.49 2.44 -11.62
C GLY A 259 2.39 2.49 -13.12
N VAL A 260 2.16 3.66 -13.71
CA VAL A 260 1.94 3.74 -15.16
C VAL A 260 3.19 3.32 -15.92
N GLU A 261 4.34 3.83 -15.49
CA GLU A 261 5.58 3.60 -16.23
C GLU A 261 5.98 2.13 -16.23
N ILE A 262 5.67 1.39 -15.18
CA ILE A 262 6.00 -0.03 -15.10
C ILE A 262 4.89 -0.93 -15.63
N GLY A 263 3.87 -0.35 -16.25
CA GLY A 263 2.83 -1.16 -16.88
C GLY A 263 1.82 -1.72 -15.92
N ARG A 264 1.67 -1.13 -14.74
CA ARG A 264 0.75 -1.57 -13.71
C ARG A 264 -0.06 -0.38 -13.19
N PRO A 265 -0.85 0.26 -14.06
CA PRO A 265 -1.59 1.45 -13.64
C PRO A 265 -2.56 1.09 -12.53
N SER A 266 -2.54 1.88 -11.46
CA SER A 266 -3.28 1.64 -10.23
C SER A 266 -3.90 2.95 -9.78
N LEU A 267 -5.19 2.95 -9.45
CA LEU A 267 -5.91 4.16 -9.09
C LEU A 267 -6.30 4.12 -7.62
N MET A 268 -5.74 5.02 -6.83
CA MET A 268 -6.00 5.12 -5.41
C MET A 268 -6.82 6.38 -5.15
N PHE A 269 -7.84 6.25 -4.31
CA PHE A 269 -8.68 7.40 -3.96
C PHE A 269 -8.41 7.72 -2.50
N ALA A 270 -8.19 9.00 -2.19
CA ALA A 270 -7.86 9.36 -0.82
C ALA A 270 -8.53 10.67 -0.44
N LYS A 271 -8.85 10.78 0.85
CA LYS A 271 -9.40 12.00 1.42
C LYS A 271 -8.99 12.05 2.89
N ALA A 272 -8.49 13.20 3.32
CA ALA A 272 -8.12 13.41 4.71
C ALA A 272 -8.98 14.52 5.28
N GLU A 273 -9.67 14.25 6.39
CA GLU A 273 -10.60 15.19 7.00
C GLU A 273 -9.94 15.89 8.19
N GLY A 274 -10.13 17.20 8.26
N GLY A 274 -10.13 17.19 8.26
CA GLY A 274 -9.73 18.00 9.41
CA GLY A 274 -9.58 18.00 9.32
C GLY A 274 -8.81 19.15 9.01
C GLY A 274 -8.34 18.75 8.88
N ARG A 275 -7.86 19.45 9.89
N ARG A 275 -7.98 19.75 9.68
CA ARG A 275 -6.79 20.39 9.63
CA ARG A 275 -6.76 20.51 9.44
C ARG A 275 -5.50 19.71 10.04
C ARG A 275 -5.55 19.68 9.84
N ALA A 276 -4.37 20.21 9.54
CA ALA A 276 -3.12 19.50 9.76
C ALA A 276 -2.94 19.13 11.23
N GLU A 277 -3.29 20.05 12.13
CA GLU A 277 -3.07 19.84 13.55
C GLU A 277 -4.21 19.10 14.23
N GLN A 278 -5.31 18.82 13.52
CA GLN A 278 -6.45 18.11 14.09
C GLN A 278 -7.08 17.27 13.00
N LEU A 279 -6.32 16.28 12.51
CA LEU A 279 -6.84 15.32 11.56
C LEU A 279 -7.78 14.36 12.28
N THR A 280 -8.93 14.10 11.67
CA THR A 280 -9.92 13.22 12.26
C THR A 280 -10.10 11.91 11.51
N ARG A 281 -9.81 11.87 10.20
CA ARG A 281 -9.97 10.65 9.44
C ARG A 281 -9.09 10.74 8.18
N VAL A 282 -8.54 9.60 7.79
CA VAL A 282 -7.73 9.49 6.58
C VAL A 282 -8.31 8.27 5.84
N GLU A 283 -9.07 8.52 4.79
CA GLU A 283 -9.76 7.46 4.07
C GLU A 283 -9.05 7.17 2.76
N VAL A 284 -8.83 5.90 2.47
CA VAL A 284 -8.26 5.46 1.20
C VAL A 284 -9.14 4.33 0.69
N SER A 285 -9.49 4.39 -0.59
CA SER A 285 -10.36 3.39 -1.18
C SER A 285 -9.87 3.03 -2.58
N GLY A 286 -10.36 1.90 -3.07
CA GLY A 286 -10.03 1.46 -4.41
C GLY A 286 -10.83 0.25 -4.80
N ASN A 287 -10.84 0.00 -6.09
CA ASN A 287 -11.37 -1.23 -6.64
C ASN A 287 -10.37 -2.36 -6.47
N GLY A 288 -10.86 -3.60 -6.56
CA GLY A 288 -9.94 -4.72 -6.66
C GLY A 288 -10.65 -5.84 -7.38
N VAL A 289 -9.86 -6.75 -7.95
CA VAL A 289 -10.41 -7.87 -8.69
CA VAL A 289 -10.36 -7.86 -8.76
C VAL A 289 -9.55 -9.10 -8.42
N THR A 290 -10.20 -10.26 -8.44
CA THR A 290 -9.50 -11.52 -8.25
C THR A 290 -8.84 -11.95 -9.55
N PHE A 291 -7.52 -12.14 -9.53
CA PHE A 291 -6.78 -12.62 -10.68
C PHE A 291 -6.69 -14.16 -10.69
N GLY A 292 -6.56 -14.79 -9.53
CA GLY A 292 -6.39 -16.22 -9.48
C GLY A 292 -6.56 -16.75 -8.09
N ARG A 293 -6.62 -18.08 -8.01
CA ARG A 293 -6.71 -18.75 -6.72
C ARG A 293 -5.93 -20.04 -6.82
N GLY A 294 -5.39 -20.50 -5.70
CA GLY A 294 -4.62 -21.72 -5.74
C GLY A 294 -4.38 -22.29 -4.35
N THR A 295 -3.51 -23.29 -4.31
CA THR A 295 -3.13 -23.96 -3.08
C THR A 295 -1.63 -24.22 -3.12
N ILE A 296 -0.95 -23.98 -2.01
CA ILE A 296 0.47 -24.26 -1.87
C ILE A 296 0.65 -25.48 -0.98
N VAL A 297 1.81 -26.11 -1.14
CA VAL A 297 2.08 -27.44 -0.61
C VAL A 297 2.52 -27.44 0.83
N LEU A 298 2.59 -26.29 1.48
CA LEU A 298 2.98 -26.22 2.87
C LEU A 298 2.23 -25.13 3.59
C1 EDO B . 6.22 -5.48 -8.54
C1 EDO B . 6.34 -4.70 -7.99
O1 EDO B . 6.25 -5.95 -7.18
O1 EDO B . 6.06 -5.75 -7.01
C2 EDO B . 4.84 -4.90 -8.88
C2 EDO B . 5.06 -4.07 -8.55
O2 EDO B . 4.61 -5.00 -10.29
O2 EDO B . 4.30 -3.39 -7.56
H11 EDO B . 6.98 -4.71 -8.68
H11 EDO B . 6.95 -3.92 -7.50
H12 EDO B . 6.44 -6.31 -9.22
H12 EDO B . 6.93 -5.11 -8.81
HO1 EDO B . 7.12 -6.31 -6.99
HO1 EDO B . 6.90 -6.13 -6.71
H21 EDO B . 4.80 -3.85 -8.56
H21 EDO B . 5.33 -3.36 -9.33
H22 EDO B . 4.07 -5.44 -8.32
H22 EDO B . 4.45 -4.86 -8.99
HO2 EDO B . 3.73 -4.65 -10.49
HO2 EDO B . 3.44 -3.16 -7.92
C1 EDO C . -7.17 -26.81 3.39
O1 EDO C . -6.66 -27.87 4.21
C2 EDO C . -6.53 -25.48 3.75
O2 EDO C . -6.91 -25.05 5.06
H11 EDO C . -6.98 -27.04 2.34
H12 EDO C . -8.25 -26.74 3.53
HO1 EDO C . -7.07 -28.71 3.95
H21 EDO C . -6.82 -24.72 3.02
H22 EDO C . -5.44 -25.59 3.72
HO2 EDO C . -6.47 -24.21 5.27
N1 A1IAW D . 2.75 -1.77 -1.36
C4 A1IAW D . 5.57 -0.77 0.75
C5 A1IAW D . 4.93 -0.09 1.77
C6 A1IAW D . 3.56 0.04 1.75
C7 A1IAW D . 2.78 -0.48 0.71
C8 A1IAW D . 1.28 -0.24 0.75
C1 A1IAW D . 6.91 -3.48 -0.53
C2 A1IAW D . 6.69 -2.36 -1.45
C3 A1IAW D . 4.84 -1.27 -0.31
C9 A1IAW D . 3.43 -1.16 -0.33
O1 A1IAW D . 5.34 -1.95 -1.40
O2 A1IAW D . 0.54 -0.72 -0.14
O3 A1IAW D . 0.85 0.55 1.65
H10 A1IAW D . 3.21 -2.19 -1.99
H9 A1IAW D . 1.87 -1.73 -1.36
H6 A1IAW D . 6.51 -0.89 0.78
H7 A1IAW D . 5.44 0.27 2.47
H8 A1IAW D . 3.13 0.51 2.45
H2 A1IAW D . 7.83 -3.75 -0.57
H3 A1IAW D . 6.34 -4.23 -0.81
H1 A1IAW D . 6.67 -3.22 0.37
H4 A1IAW D . 6.92 -2.62 -2.35
H5 A1IAW D . 7.27 -1.61 -1.18
#